data_5Z44
#
_entry.id   5Z44
#
_cell.length_a   115.717
_cell.length_b   115.717
_cell.length_c   48.431
_cell.angle_alpha   90.00
_cell.angle_beta   90.00
_cell.angle_gamma   90.00
#
_symmetry.space_group_name_H-M   'P 41'
#
loop_
_entity.id
_entity.type
_entity.pdbx_description
1 polymer AmbP1
2 non-polymer 'GERANYL S-THIOLODIPHOSPHATE'
3 non-polymer 'MAGNESIUM ION'
4 water water
#
_entity_poly.entity_id   1
_entity_poly.type   'polypeptide(L)'
_entity_poly.pdbx_seq_one_letter_code
;MNDVNRIRTDIINVAKTFGAEYSEKVLDEVFQVFGEQFADNSFMIRTSNKQPDKLGCYFRYHEEDESQLGLAWDIARKSG
LLSDQGRPVDQLIPEICETFPIMADGVDFDVKHGLAKIWQSIKGVVPVQDAFKLSLPASVTTHSDFLKNHHLDALYAFGI
DYHHSSVNLYFDTYHPKHHTSEYYKNLLQDLQFQPPSDELLELLTNNGEIALTFNFASPRIERLCFYLPFLNREAVPQNL
LNPLLKKYINEAPALVDNPGFILGWSFGPQGGKGTYTKVDVDYHGRTVPLFMKVHSQPLPKAADFALAQ
;
_entity_poly.pdbx_strand_id   A,B
#
loop_
_chem_comp.id
_chem_comp.type
_chem_comp.name
_chem_comp.formula
GST non-polymer 'GERANYL S-THIOLODIPHOSPHATE' 'C10 H20 O6 P2 S'
MG non-polymer 'MAGNESIUM ION' 'Mg 2'
#
# COMPACT_ATOMS: atom_id res chain seq x y z
N MET A 1 -2.69 17.42 -0.99
CA MET A 1 -1.64 16.64 -0.35
C MET A 1 -1.06 15.61 -1.31
N ASN A 2 0.04 14.99 -0.87
CA ASN A 2 0.55 13.80 -1.53
C ASN A 2 -0.34 12.60 -1.31
N ASP A 3 -1.00 12.54 -0.15
CA ASP A 3 -1.93 11.46 0.17
C ASP A 3 -2.92 11.23 -0.95
N VAL A 4 -3.39 12.31 -1.58
CA VAL A 4 -4.40 12.15 -2.61
C VAL A 4 -3.79 11.58 -3.89
N ASN A 5 -2.60 12.06 -4.25
CA ASN A 5 -1.93 11.56 -5.46
C ASN A 5 -1.38 10.16 -5.26
N ARG A 6 -1.02 9.81 -4.03
CA ARG A 6 -0.73 8.42 -3.70
C ARG A 6 -1.92 7.53 -4.02
N ILE A 7 -3.13 7.97 -3.66
CA ILE A 7 -4.30 7.13 -3.85
C ILE A 7 -4.63 6.95 -5.32
N ARG A 8 -4.47 8.03 -6.11
CA ARG A 8 -4.73 7.93 -7.54
C ARG A 8 -3.76 6.97 -8.22
N THR A 9 -2.50 6.97 -7.77
CA THR A 9 -1.48 6.12 -8.36
C THR A 9 -1.71 4.66 -7.99
N ASP A 10 -2.04 4.39 -6.73
CA ASP A 10 -2.30 3.02 -6.30
C ASP A 10 -3.43 2.40 -7.12
N ILE A 11 -4.41 3.19 -7.52
CA ILE A 11 -5.58 2.64 -8.19
C ILE A 11 -5.27 2.34 -9.65
N ILE A 12 -4.56 3.25 -10.34
CA ILE A 12 -4.07 2.96 -11.69
C ILE A 12 -3.14 1.75 -11.66
N ASN A 13 -2.35 1.60 -10.59
CA ASN A 13 -1.49 0.42 -10.47
C ASN A 13 -2.33 -0.85 -10.37
N VAL A 14 -3.37 -0.85 -9.54
CA VAL A 14 -4.28 -1.99 -9.45
C VAL A 14 -4.93 -2.25 -10.80
N ALA A 15 -5.58 -1.22 -11.35
CA ALA A 15 -6.27 -1.36 -12.62
C ALA A 15 -5.37 -1.96 -13.69
N LYS A 16 -4.12 -1.55 -13.75
CA LYS A 16 -3.22 -2.12 -14.75
C LYS A 16 -2.76 -3.52 -14.35
N THR A 17 -2.34 -3.69 -13.09
CA THR A 17 -1.84 -4.99 -12.65
C THR A 17 -2.86 -6.10 -12.88
N PHE A 18 -4.13 -5.84 -12.60
CA PHE A 18 -5.14 -6.90 -12.62
C PHE A 18 -6.04 -6.84 -13.85
N GLY A 19 -5.58 -6.23 -14.94
CA GLY A 19 -6.38 -6.19 -16.17
C GLY A 19 -7.76 -5.58 -16.04
N ALA A 20 -7.87 -4.47 -15.31
CA ALA A 20 -9.14 -3.75 -15.17
C ALA A 20 -9.19 -2.57 -16.15
N GLU A 21 -10.22 -2.56 -17.00
CA GLU A 21 -10.49 -1.42 -17.85
C GLU A 21 -10.53 -0.15 -17.01
N TYR A 22 -10.03 0.95 -17.57
CA TYR A 22 -10.00 2.21 -16.83
C TYR A 22 -9.79 3.37 -17.80
N SER A 23 -10.04 4.59 -17.29
CA SER A 23 -9.99 5.81 -18.10
C SER A 23 -9.28 6.88 -17.29
N GLU A 24 -8.01 7.14 -17.65
CA GLU A 24 -7.24 8.16 -16.95
C GLU A 24 -8.00 9.47 -16.88
N LYS A 25 -8.64 9.86 -17.98
CA LYS A 25 -9.43 11.09 -17.98
C LYS A 25 -10.47 11.05 -16.90
N VAL A 26 -11.18 9.93 -16.78
CA VAL A 26 -12.27 9.79 -15.82
C VAL A 26 -11.72 9.84 -14.39
N LEU A 27 -10.68 9.07 -14.12
CA LEU A 27 -10.03 9.11 -12.81
C LEU A 27 -9.68 10.55 -12.41
N ASP A 28 -9.08 11.32 -13.34
CA ASP A 28 -8.72 12.71 -13.07
C ASP A 28 -9.92 13.51 -12.60
N GLU A 29 -11.04 13.42 -13.33
CA GLU A 29 -12.19 14.25 -12.98
C GLU A 29 -12.74 13.87 -11.61
N VAL A 30 -12.73 12.58 -11.26
CA VAL A 30 -13.17 12.14 -9.94
C VAL A 30 -12.25 12.70 -8.85
N PHE A 31 -10.94 12.51 -9.03
CA PHE A 31 -9.99 12.95 -8.02
C PHE A 31 -9.98 14.46 -7.88
N GLN A 32 -10.15 15.18 -8.99
CA GLN A 32 -10.27 16.63 -8.91
C GLN A 32 -11.33 17.05 -7.91
N VAL A 33 -12.43 16.29 -7.86
CA VAL A 33 -13.65 16.70 -7.18
C VAL A 33 -13.76 16.02 -5.83
N PHE A 34 -13.25 14.79 -5.71
CA PHE A 34 -13.43 13.95 -4.53
C PHE A 34 -12.12 13.51 -3.87
N GLY A 35 -10.97 13.92 -4.40
CA GLY A 35 -9.70 13.40 -3.91
C GLY A 35 -9.53 13.49 -2.41
N GLU A 36 -9.81 14.66 -1.83
CA GLU A 36 -9.59 14.85 -0.41
C GLU A 36 -10.51 13.98 0.44
N GLN A 37 -11.77 13.79 -0.01
CA GLN A 37 -12.66 12.90 0.74
C GLN A 37 -12.14 11.48 0.77
N PHE A 38 -11.32 11.10 -0.22
CA PHE A 38 -10.65 9.80 -0.12
C PHE A 38 -9.56 9.84 0.95
N ALA A 39 -8.68 10.85 0.90
CA ALA A 39 -7.60 10.89 1.87
C ALA A 39 -8.09 11.10 3.29
N ASP A 40 -9.33 11.58 3.48
CA ASP A 40 -9.76 12.03 4.81
C ASP A 40 -10.92 11.22 5.38
N ASN A 41 -11.27 10.09 4.77
CA ASN A 41 -12.41 9.29 5.22
C ASN A 41 -12.11 7.80 5.03
N SER A 42 -12.98 6.95 5.59
CA SER A 42 -12.91 5.53 5.32
C SER A 42 -12.89 5.30 3.82
N PHE A 43 -11.91 4.54 3.37
CA PHE A 43 -11.65 4.42 1.95
C PHE A 43 -11.25 2.98 1.63
N MET A 44 -11.80 2.44 0.55
CA MET A 44 -11.49 1.06 0.19
C MET A 44 -11.38 0.89 -1.31
N ILE A 45 -10.53 -0.03 -1.72
CA ILE A 45 -10.32 -0.36 -3.13
C ILE A 45 -10.82 -1.79 -3.35
N ARG A 46 -11.67 -1.95 -4.36
CA ARG A 46 -12.35 -3.23 -4.60
C ARG A 46 -11.93 -3.84 -5.94
N THR A 47 -11.78 -5.16 -5.95
CA THR A 47 -11.79 -5.90 -7.20
C THR A 47 -12.83 -7.00 -7.10
N SER A 48 -13.48 -7.29 -8.23
CA SER A 48 -14.51 -8.29 -8.23
C SER A 48 -14.28 -9.24 -9.41
N ASN A 49 -15.13 -10.26 -9.44
CA ASN A 49 -15.02 -11.46 -10.25
C ASN A 49 -16.05 -11.53 -11.36
N LYS A 50 -16.82 -10.47 -11.60
CA LYS A 50 -17.97 -10.58 -12.49
C LYS A 50 -17.65 -11.20 -13.83
N GLN A 51 -16.39 -11.10 -14.27
CA GLN A 51 -15.94 -11.74 -15.50
C GLN A 51 -14.79 -12.70 -15.19
N PRO A 52 -14.80 -13.90 -15.76
CA PRO A 52 -13.89 -14.96 -15.28
C PRO A 52 -12.42 -14.59 -15.20
N ASP A 53 -11.87 -13.94 -16.23
CA ASP A 53 -10.41 -13.82 -16.32
C ASP A 53 -9.88 -12.42 -16.06
N LYS A 54 -10.73 -11.41 -15.90
CA LYS A 54 -10.28 -10.05 -15.63
C LYS A 54 -11.11 -9.45 -14.50
N LEU A 55 -10.43 -8.85 -13.54
CA LEU A 55 -11.11 -8.16 -12.46
C LEU A 55 -11.58 -6.79 -12.92
N GLY A 56 -12.70 -6.36 -12.37
CA GLY A 56 -13.02 -4.95 -12.39
C GLY A 56 -12.44 -4.31 -11.16
N CYS A 57 -12.32 -2.99 -11.18
CA CYS A 57 -11.75 -2.27 -10.05
C CYS A 57 -12.65 -1.10 -9.66
N TYR A 58 -12.91 -0.99 -8.38
CA TYR A 58 -13.73 0.10 -7.86
C TYR A 58 -13.02 0.73 -6.66
N PHE A 59 -13.47 1.92 -6.29
CA PHE A 59 -13.00 2.58 -5.09
C PHE A 59 -14.13 3.42 -4.50
N ARG A 60 -14.18 3.43 -3.17
CA ARG A 60 -15.34 3.94 -2.46
C ARG A 60 -14.89 4.60 -1.17
N TYR A 61 -15.70 5.54 -0.68
CA TYR A 61 -15.44 6.14 0.62
C TYR A 61 -16.74 6.30 1.40
N HIS A 62 -16.58 6.35 2.72
CA HIS A 62 -17.68 6.38 3.67
C HIS A 62 -17.56 7.64 4.53
N GLU A 63 -18.57 8.49 4.48
CA GLU A 63 -18.57 9.74 5.23
C GLU A 63 -19.43 9.55 6.48
N GLU A 64 -18.78 9.55 7.65
CA GLU A 64 -19.42 9.47 8.95
C GLU A 64 -19.53 10.81 9.67
N ASP A 65 -18.95 11.89 9.14
CA ASP A 65 -18.91 13.14 9.88
C ASP A 65 -20.22 13.91 9.69
N GLU A 66 -20.83 14.33 10.80
CA GLU A 66 -22.16 14.92 10.76
C GLU A 66 -22.24 16.12 9.82
N SER A 67 -21.29 17.05 9.95
CA SER A 67 -21.38 18.29 9.16
C SER A 67 -21.33 18.02 7.67
N GLN A 68 -20.59 16.98 7.26
CA GLN A 68 -20.40 16.71 5.85
C GLN A 68 -21.57 15.97 5.22
N LEU A 69 -22.48 15.43 6.03
CA LEU A 69 -23.57 14.59 5.51
C LEU A 69 -24.38 15.38 4.50
N GLY A 70 -24.49 14.84 3.28
CA GLY A 70 -25.18 15.50 2.20
C GLY A 70 -24.27 16.17 1.18
N LEU A 71 -23.03 16.45 1.56
CA LEU A 71 -22.14 17.14 0.62
C LEU A 71 -21.72 16.23 -0.53
N ALA A 72 -21.62 14.91 -0.29
CA ALA A 72 -21.28 14.00 -1.37
C ALA A 72 -22.24 14.15 -2.55
N TRP A 73 -23.55 14.14 -2.26
CA TRP A 73 -24.55 14.33 -3.30
C TRP A 73 -24.41 15.71 -3.96
N ASP A 74 -24.25 16.76 -3.15
CA ASP A 74 -24.07 18.12 -3.70
C ASP A 74 -22.84 18.21 -4.58
N ILE A 75 -21.69 17.80 -4.04
CA ILE A 75 -20.45 17.77 -4.82
C ILE A 75 -20.66 16.99 -6.12
N ALA A 76 -21.22 15.78 -6.01
CA ALA A 76 -21.44 14.95 -7.19
C ALA A 76 -22.23 15.69 -8.26
N ARG A 77 -23.31 16.34 -7.89
CA ARG A 77 -24.15 17.00 -8.88
C ARG A 77 -23.49 18.25 -9.45
N LYS A 78 -22.98 19.13 -8.58
CA LYS A 78 -22.46 20.41 -9.03
C LYS A 78 -21.38 20.24 -10.11
N SER A 79 -20.53 19.23 -9.96
CA SER A 79 -19.39 19.03 -10.85
C SER A 79 -19.74 18.28 -12.13
N GLY A 80 -20.96 17.76 -12.25
CA GLY A 80 -21.31 17.00 -13.42
C GLY A 80 -20.95 15.52 -13.36
N LEU A 81 -20.25 15.08 -12.31
CA LEU A 81 -19.98 13.64 -12.19
C LEU A 81 -21.26 12.83 -12.03
N LEU A 82 -22.34 13.46 -11.54
CA LEU A 82 -23.63 12.80 -11.41
C LEU A 82 -24.69 13.74 -11.99
N SER A 83 -25.08 13.48 -13.22
CA SER A 83 -26.10 14.28 -13.89
C SER A 83 -27.41 13.50 -13.98
N ASP A 84 -28.49 14.24 -14.17
CA ASP A 84 -29.84 13.74 -13.99
C ASP A 84 -30.41 13.29 -15.33
N GLN A 85 -30.86 12.05 -15.38
CA GLN A 85 -31.59 11.54 -16.53
C GLN A 85 -33.11 11.51 -16.31
N GLY A 86 -33.58 11.96 -15.14
CA GLY A 86 -34.96 11.73 -14.77
C GLY A 86 -35.31 10.29 -14.52
N ARG A 87 -34.33 9.37 -14.62
CA ARG A 87 -34.40 7.93 -14.38
C ARG A 87 -35.19 7.61 -13.12
N PRO A 88 -35.76 6.40 -13.02
CA PRO A 88 -36.50 6.05 -11.79
C PRO A 88 -35.60 6.12 -10.57
N VAL A 89 -34.30 5.92 -10.76
CA VAL A 89 -33.32 5.98 -9.70
C VAL A 89 -32.98 7.42 -9.28
N ASP A 90 -33.23 8.41 -10.14
CA ASP A 90 -32.65 9.73 -9.93
C ASP A 90 -33.29 10.53 -8.80
N GLN A 91 -34.48 10.16 -8.36
CA GLN A 91 -35.16 10.85 -7.29
C GLN A 91 -34.94 10.22 -5.92
N LEU A 92 -34.31 9.04 -5.85
CA LEU A 92 -34.29 8.26 -4.62
C LEU A 92 -33.55 8.98 -3.50
N ILE A 93 -32.37 9.54 -3.78
CA ILE A 93 -31.58 10.16 -2.71
C ILE A 93 -32.32 11.31 -2.05
N PRO A 94 -32.88 12.28 -2.77
CA PRO A 94 -33.73 13.28 -2.09
C PRO A 94 -34.86 12.66 -1.27
N GLU A 95 -35.54 11.63 -1.78
CA GLU A 95 -36.65 11.04 -1.03
C GLU A 95 -36.16 10.42 0.27
N ILE A 96 -35.07 9.66 0.21
CA ILE A 96 -34.52 9.02 1.40
C ILE A 96 -34.17 10.05 2.45
N CYS A 97 -33.56 11.17 2.04
CA CYS A 97 -33.09 12.16 3.00
C CYS A 97 -34.22 12.87 3.72
N GLU A 98 -35.39 13.01 3.07
CA GLU A 98 -36.55 13.62 3.69
C GLU A 98 -37.30 12.66 4.59
N THR A 99 -37.18 11.37 4.32
CA THR A 99 -37.96 10.35 5.01
C THR A 99 -37.27 9.88 6.27
N PHE A 100 -35.94 9.71 6.22
CA PHE A 100 -35.18 9.04 7.27
C PHE A 100 -34.05 9.91 7.80
N PRO A 101 -33.76 9.85 9.09
CA PRO A 101 -32.57 10.51 9.61
C PRO A 101 -31.34 9.76 9.11
N ILE A 102 -30.36 10.51 8.61
CA ILE A 102 -29.20 9.93 7.93
C ILE A 102 -27.98 10.06 8.82
N MET A 103 -27.24 8.97 8.97
CA MET A 103 -26.08 8.93 9.83
C MET A 103 -24.77 8.69 9.07
N ALA A 104 -24.85 8.29 7.80
CA ALA A 104 -23.64 8.16 6.99
C ALA A 104 -24.01 8.12 5.52
N ASP A 105 -23.10 8.56 4.68
CA ASP A 105 -23.25 8.35 3.25
C ASP A 105 -21.88 8.07 2.64
N GLY A 106 -21.87 7.78 1.35
CA GLY A 106 -20.68 7.33 0.66
C GLY A 106 -20.91 7.30 -0.83
N VAL A 107 -19.82 7.33 -1.58
CA VAL A 107 -19.86 7.23 -3.03
C VAL A 107 -18.99 6.07 -3.47
N ASP A 108 -19.47 5.32 -4.46
CA ASP A 108 -18.74 4.24 -5.09
C ASP A 108 -18.39 4.65 -6.50
N PHE A 109 -17.17 4.32 -6.94
CA PHE A 109 -16.62 4.76 -8.21
C PHE A 109 -16.09 3.57 -9.01
N ASP A 110 -16.29 3.63 -10.31
CA ASP A 110 -15.81 2.63 -11.25
C ASP A 110 -14.65 3.25 -12.03
N VAL A 111 -13.48 2.59 -12.02
CA VAL A 111 -12.27 3.23 -12.56
C VAL A 111 -12.38 3.53 -14.05
N LYS A 112 -13.28 2.84 -14.76
CA LYS A 112 -13.57 3.14 -16.15
C LYS A 112 -14.71 4.16 -16.28
N HIS A 113 -15.79 3.97 -15.53
CA HIS A 113 -17.05 4.63 -15.81
C HIS A 113 -17.37 5.77 -14.86
N GLY A 114 -16.51 6.04 -13.87
CA GLY A 114 -16.78 7.12 -12.94
C GLY A 114 -17.74 6.76 -11.83
N LEU A 115 -18.58 7.73 -11.44
CA LEU A 115 -19.42 7.60 -10.25
C LEU A 115 -20.52 6.58 -10.51
N ALA A 116 -20.59 5.57 -9.67
CA ALA A 116 -21.48 4.44 -9.86
C ALA A 116 -22.59 4.37 -8.83
N LYS A 117 -22.28 4.64 -7.56
CA LYS A 117 -23.24 4.39 -6.49
C LYS A 117 -23.09 5.42 -5.38
N ILE A 118 -24.21 5.67 -4.70
CA ILE A 118 -24.28 6.50 -3.51
C ILE A 118 -25.03 5.72 -2.44
N TRP A 119 -24.44 5.60 -1.25
CA TRP A 119 -25.07 4.91 -0.12
C TRP A 119 -25.64 5.92 0.88
N GLN A 120 -26.76 5.56 1.49
CA GLN A 120 -27.32 6.28 2.64
C GLN A 120 -27.52 5.28 3.78
N SER A 121 -26.95 5.58 4.94
CA SER A 121 -27.14 4.77 6.13
C SER A 121 -28.12 5.46 7.07
N ILE A 122 -29.19 4.76 7.44
CA ILE A 122 -30.16 5.31 8.37
C ILE A 122 -29.57 5.38 9.77
N LYS A 123 -29.99 6.38 10.53
CA LYS A 123 -29.66 6.42 11.95
C LYS A 123 -30.52 5.37 12.63
N GLY A 124 -29.95 4.22 12.94
CA GLY A 124 -30.70 3.14 13.55
C GLY A 124 -31.47 2.35 12.50
N VAL A 125 -32.03 1.23 12.96
CA VAL A 125 -32.60 0.24 12.07
C VAL A 125 -34.11 0.42 11.99
N VAL A 126 -34.67 0.24 10.81
CA VAL A 126 -36.06 0.52 10.53
C VAL A 126 -36.73 -0.71 9.91
N PRO A 127 -38.00 -0.99 10.22
CA PRO A 127 -38.75 -1.95 9.40
C PRO A 127 -38.74 -1.56 7.94
N VAL A 128 -38.37 -2.52 7.07
CA VAL A 128 -38.25 -2.27 5.64
C VAL A 128 -39.53 -1.69 5.05
N GLN A 129 -40.70 -2.05 5.61
CA GLN A 129 -41.98 -1.50 5.15
C GLN A 129 -42.02 0.03 5.21
N ASP A 130 -41.20 0.65 6.06
CA ASP A 130 -41.15 2.11 6.09
C ASP A 130 -40.57 2.69 4.79
N ALA A 131 -39.79 1.90 4.04
CA ALA A 131 -39.25 2.31 2.75
C ALA A 131 -40.26 2.19 1.62
N PHE A 132 -41.46 1.67 1.89
CA PHE A 132 -42.38 1.33 0.82
C PHE A 132 -43.00 2.55 0.17
N LYS A 133 -42.94 3.72 0.80
CA LYS A 133 -43.46 4.93 0.16
C LYS A 133 -42.51 5.48 -0.90
N LEU A 134 -41.23 5.08 -0.88
CA LEU A 134 -40.23 5.59 -1.81
C LEU A 134 -40.42 4.99 -3.20
N SER A 135 -39.96 5.71 -4.21
CA SER A 135 -39.98 5.20 -5.58
C SER A 135 -38.96 4.08 -5.74
N LEU A 136 -39.02 3.07 -4.88
CA LEU A 136 -38.21 1.88 -5.08
C LEU A 136 -38.82 1.07 -6.23
N PRO A 137 -38.11 0.09 -6.75
CA PRO A 137 -38.73 -0.79 -7.75
C PRO A 137 -39.91 -1.54 -7.16
N ALA A 138 -40.92 -1.77 -8.01
CA ALA A 138 -42.09 -2.54 -7.61
C ALA A 138 -41.73 -3.87 -6.97
N SER A 139 -40.60 -4.45 -7.38
CA SER A 139 -40.17 -5.73 -6.87
C SER A 139 -39.86 -5.70 -5.37
N VAL A 140 -39.61 -4.53 -4.77
CA VAL A 140 -39.38 -4.50 -3.32
C VAL A 140 -40.68 -4.80 -2.58
N THR A 141 -41.72 -4.01 -2.86
CA THR A 141 -43.02 -4.24 -2.23
C THR A 141 -43.54 -5.65 -2.54
N THR A 142 -43.45 -6.09 -3.79
CA THR A 142 -44.07 -7.35 -4.14
C THR A 142 -43.38 -8.55 -3.48
N HIS A 143 -42.24 -8.33 -2.82
CA HIS A 143 -41.56 -9.34 -2.03
C HIS A 143 -41.68 -9.06 -0.51
N SER A 144 -42.62 -8.22 -0.11
CA SER A 144 -42.69 -7.88 1.31
C SER A 144 -42.90 -9.14 2.14
N ASP A 145 -43.75 -10.07 1.69
CA ASP A 145 -43.94 -11.31 2.43
C ASP A 145 -42.64 -12.12 2.51
N PHE A 146 -41.86 -12.11 1.44
CA PHE A 146 -40.61 -12.86 1.43
C PHE A 146 -39.56 -12.20 2.33
N LEU A 147 -39.52 -10.86 2.37
CA LEU A 147 -38.60 -10.17 3.28
C LEU A 147 -38.90 -10.51 4.73
N LYS A 148 -40.19 -10.51 5.11
CA LYS A 148 -40.57 -10.86 6.47
C LYS A 148 -40.29 -12.33 6.75
N ASN A 149 -40.59 -13.20 5.78
CA ASN A 149 -40.46 -14.63 6.04
C ASN A 149 -39.00 -15.04 6.21
N HIS A 150 -38.08 -14.30 5.61
CA HIS A 150 -36.67 -14.64 5.77
C HIS A 150 -35.95 -13.67 6.69
N HIS A 151 -36.70 -12.85 7.44
CA HIS A 151 -36.11 -11.95 8.43
C HIS A 151 -35.11 -10.98 7.79
N LEU A 152 -35.41 -10.58 6.57
CA LEU A 152 -34.73 -9.51 5.85
C LEU A 152 -35.61 -8.27 5.85
N ASP A 153 -35.86 -7.75 7.06
CA ASP A 153 -36.80 -6.66 7.22
C ASP A 153 -36.33 -5.60 8.19
N ALA A 154 -35.15 -5.76 8.79
CA ALA A 154 -34.52 -4.73 9.62
C ALA A 154 -33.58 -3.94 8.71
N LEU A 155 -34.11 -2.87 8.13
CA LEU A 155 -33.42 -2.11 7.10
C LEU A 155 -32.56 -1.01 7.71
N TYR A 156 -31.30 -0.94 7.30
CA TYR A 156 -30.44 0.13 7.82
C TYR A 156 -29.76 0.98 6.75
N ALA A 157 -29.78 0.58 5.46
CA ALA A 157 -29.07 1.39 4.47
C ALA A 157 -29.57 1.13 3.06
N PHE A 158 -29.47 2.19 2.24
CA PHE A 158 -29.80 2.17 0.82
C PHE A 158 -28.54 2.34 -0.01
N GLY A 159 -28.39 1.53 -1.04
CA GLY A 159 -27.37 1.79 -2.06
C GLY A 159 -28.01 2.06 -3.41
N ILE A 160 -27.70 3.20 -4.01
CA ILE A 160 -28.35 3.63 -5.24
C ILE A 160 -27.34 3.53 -6.37
N ASP A 161 -27.63 2.66 -7.35
CA ASP A 161 -26.69 2.31 -8.40
C ASP A 161 -27.09 3.04 -9.68
N TYR A 162 -26.32 4.04 -10.08
CA TYR A 162 -26.70 4.85 -11.24
C TYR A 162 -26.28 4.25 -12.56
N HIS A 163 -25.26 3.38 -12.57
CA HIS A 163 -24.87 2.72 -13.82
C HIS A 163 -25.87 1.67 -14.24
N HIS A 164 -26.59 1.09 -13.28
CA HIS A 164 -27.48 -0.02 -13.57
C HIS A 164 -28.93 0.26 -13.25
N SER A 165 -29.25 1.50 -12.86
CA SER A 165 -30.57 1.84 -12.34
C SER A 165 -31.13 0.72 -11.47
N SER A 166 -30.40 0.46 -10.39
CA SER A 166 -30.80 -0.58 -9.43
C SER A 166 -30.55 -0.07 -8.02
N VAL A 167 -31.21 -0.72 -7.06
CA VAL A 167 -31.17 -0.32 -5.67
C VAL A 167 -30.76 -1.50 -4.80
N ASN A 168 -29.79 -1.29 -3.90
CA ASN A 168 -29.45 -2.27 -2.88
C ASN A 168 -30.12 -1.93 -1.55
N LEU A 169 -30.78 -2.92 -0.94
CA LEU A 169 -31.27 -2.78 0.43
C LEU A 169 -30.42 -3.59 1.39
N TYR A 170 -30.10 -3.00 2.54
CA TYR A 170 -29.17 -3.56 3.51
C TYR A 170 -29.88 -3.91 4.82
N PHE A 171 -29.57 -5.09 5.36
CA PHE A 171 -30.36 -5.70 6.41
C PHE A 171 -29.50 -6.16 7.57
N ASP A 172 -29.88 -5.74 8.77
CA ASP A 172 -29.22 -6.16 9.99
C ASP A 172 -29.60 -7.61 10.31
N THR A 173 -28.61 -8.39 10.79
CA THR A 173 -28.84 -9.82 11.02
C THR A 173 -29.29 -10.08 12.46
N TYR A 174 -30.48 -9.54 12.79
CA TYR A 174 -31.00 -9.58 14.16
C TYR A 174 -31.39 -11.01 14.59
N HIS A 175 -31.79 -11.88 13.64
CA HIS A 175 -32.54 -13.07 14.06
C HIS A 175 -31.59 -14.24 14.35
N PRO A 176 -31.88 -15.02 15.38
CA PRO A 176 -31.04 -16.19 15.70
C PRO A 176 -30.72 -17.08 14.52
N LYS A 177 -31.63 -17.17 13.53
CA LYS A 177 -31.35 -17.97 12.33
C LYS A 177 -30.20 -17.40 11.50
N HIS A 178 -29.93 -16.10 11.59
CA HIS A 178 -28.84 -15.50 10.83
C HIS A 178 -27.47 -16.01 11.26
N HIS A 179 -27.37 -16.66 12.41
CA HIS A 179 -26.13 -17.32 12.81
C HIS A 179 -26.15 -18.81 12.50
N THR A 180 -26.96 -19.21 11.54
CA THR A 180 -27.13 -20.59 11.16
C THR A 180 -26.77 -20.77 9.69
N SER A 181 -26.03 -21.84 9.38
CA SER A 181 -25.70 -22.07 7.98
C SER A 181 -26.94 -22.49 7.20
N GLU A 182 -27.86 -23.24 7.83
CA GLU A 182 -29.08 -23.69 7.16
C GLU A 182 -29.92 -22.53 6.65
N TYR A 183 -29.90 -21.39 7.34
CA TYR A 183 -30.64 -20.24 6.84
C TYR A 183 -30.11 -19.76 5.48
N TYR A 184 -28.78 -19.75 5.29
CA TYR A 184 -28.23 -19.27 4.02
C TYR A 184 -28.46 -20.29 2.91
N LYS A 185 -28.36 -21.58 3.25
CA LYS A 185 -28.70 -22.60 2.27
C LYS A 185 -30.15 -22.45 1.84
N ASN A 186 -31.06 -22.34 2.82
CA ASN A 186 -32.48 -22.25 2.49
C ASN A 186 -32.83 -20.93 1.82
N LEU A 187 -32.09 -19.85 2.10
CA LEU A 187 -32.39 -18.58 1.46
C LEU A 187 -32.00 -18.63 -0.02
N LEU A 188 -30.83 -19.17 -0.29
CA LEU A 188 -30.40 -19.30 -1.67
C LEU A 188 -31.28 -20.26 -2.45
N GLN A 189 -31.74 -21.35 -1.81
CA GLN A 189 -32.67 -22.26 -2.46
C GLN A 189 -34.00 -21.57 -2.76
N ASP A 190 -34.58 -20.88 -1.77
CA ASP A 190 -35.86 -20.22 -2.00
C ASP A 190 -35.77 -19.21 -3.13
N LEU A 191 -34.64 -18.51 -3.28
CA LEU A 191 -34.46 -17.58 -4.41
C LEU A 191 -34.08 -18.29 -5.70
N GLN A 192 -33.85 -19.60 -5.68
CA GLN A 192 -33.35 -20.35 -6.84
C GLN A 192 -32.01 -19.80 -7.33
N PHE A 193 -31.18 -19.32 -6.40
CA PHE A 193 -29.85 -18.83 -6.70
C PHE A 193 -28.83 -19.96 -6.57
N GLN A 194 -27.66 -19.75 -7.16
CA GLN A 194 -26.60 -20.75 -7.14
C GLN A 194 -26.28 -21.16 -5.70
N PRO A 195 -26.12 -22.45 -5.42
CA PRO A 195 -25.87 -22.88 -4.04
C PRO A 195 -24.46 -22.56 -3.59
N PRO A 196 -24.26 -22.34 -2.30
CA PRO A 196 -22.93 -22.04 -1.78
C PRO A 196 -22.16 -23.30 -1.42
N SER A 197 -20.84 -23.19 -1.47
CA SER A 197 -20.01 -24.28 -0.96
C SER A 197 -20.20 -24.42 0.55
N ASP A 198 -19.86 -25.60 1.06
CA ASP A 198 -19.92 -25.79 2.50
C ASP A 198 -18.94 -24.89 3.24
N GLU A 199 -17.77 -24.62 2.65
CA GLU A 199 -16.82 -23.73 3.30
C GLU A 199 -17.41 -22.35 3.51
N LEU A 200 -18.04 -21.79 2.45
CA LEU A 200 -18.68 -20.50 2.58
C LEU A 200 -19.82 -20.53 3.59
N LEU A 201 -20.66 -21.58 3.54
CA LEU A 201 -21.76 -21.70 4.51
C LEU A 201 -21.25 -21.65 5.95
N GLU A 202 -20.22 -22.44 6.25
CA GLU A 202 -19.61 -22.41 7.58
C GLU A 202 -19.25 -20.98 7.98
N LEU A 203 -18.59 -20.24 7.09
CA LEU A 203 -18.20 -18.87 7.41
C LEU A 203 -19.43 -18.01 7.67
N LEU A 204 -20.50 -18.23 6.90
CA LEU A 204 -21.65 -17.34 6.98
C LEU A 204 -22.36 -17.40 8.32
N THR A 205 -22.05 -18.37 9.18
CA THR A 205 -22.71 -18.41 10.48
C THR A 205 -22.36 -17.18 11.31
N ASN A 206 -21.11 -16.76 11.29
CA ASN A 206 -20.77 -15.49 11.92
C ASN A 206 -20.92 -14.33 10.96
N ASN A 207 -21.89 -14.41 10.05
CA ASN A 207 -22.18 -13.33 9.13
C ASN A 207 -22.93 -12.23 9.85
N GLY A 208 -22.85 -11.02 9.29
CA GLY A 208 -23.47 -9.90 9.95
C GLY A 208 -24.14 -8.94 9.00
N GLU A 209 -23.89 -9.11 7.69
CA GLU A 209 -24.38 -8.18 6.67
C GLU A 209 -25.02 -8.92 5.50
N ILE A 210 -26.25 -8.52 5.16
CA ILE A 210 -26.95 -9.05 4.00
C ILE A 210 -27.51 -7.91 3.15
N ALA A 211 -27.31 -8.00 1.83
CA ALA A 211 -27.81 -7.00 0.90
C ALA A 211 -28.62 -7.67 -0.19
N LEU A 212 -29.65 -6.97 -0.65
CA LEU A 212 -30.51 -7.44 -1.73
C LEU A 212 -30.56 -6.39 -2.80
N THR A 213 -30.48 -6.82 -4.06
CA THR A 213 -30.49 -5.90 -5.19
C THR A 213 -31.81 -6.00 -5.94
N PHE A 214 -32.39 -4.84 -6.21
CA PHE A 214 -33.66 -4.73 -6.92
C PHE A 214 -33.46 -3.76 -8.07
N ASN A 215 -34.10 -4.00 -9.20
CA ASN A 215 -34.01 -3.04 -10.30
C ASN A 215 -35.38 -2.84 -10.94
N PHE A 216 -35.46 -1.78 -11.75
CA PHE A 216 -36.71 -1.34 -12.33
C PHE A 216 -37.11 -2.10 -13.58
N ALA A 217 -36.20 -2.88 -14.15
CA ALA A 217 -36.55 -3.71 -15.30
C ALA A 217 -37.18 -5.02 -14.89
N SER A 218 -36.81 -5.56 -13.73
CA SER A 218 -37.16 -6.93 -13.43
C SER A 218 -38.13 -7.04 -12.26
N PRO A 219 -39.16 -7.89 -12.36
CA PRO A 219 -40.01 -8.17 -11.20
C PRO A 219 -39.37 -9.09 -10.16
N ARG A 220 -38.11 -9.50 -10.37
CA ARG A 220 -37.44 -10.49 -9.56
C ARG A 220 -36.32 -9.84 -8.77
N ILE A 221 -35.97 -10.46 -7.66
CA ILE A 221 -34.77 -10.06 -6.93
C ILE A 221 -33.57 -10.44 -7.78
N GLU A 222 -32.81 -9.43 -8.21
CA GLU A 222 -31.73 -9.64 -9.17
C GLU A 222 -30.59 -10.43 -8.54
N ARG A 223 -30.20 -10.12 -7.32
CA ARG A 223 -29.06 -10.80 -6.70
C ARG A 223 -28.98 -10.35 -5.27
N LEU A 224 -28.22 -11.11 -4.47
CA LEU A 224 -27.95 -10.77 -3.08
C LEU A 224 -26.44 -10.84 -2.84
N CYS A 225 -26.04 -10.33 -1.67
CA CYS A 225 -24.65 -10.30 -1.29
C CYS A 225 -24.50 -10.50 0.22
N PHE A 226 -23.59 -11.39 0.63
CA PHE A 226 -23.15 -11.49 2.02
C PHE A 226 -21.74 -10.89 2.19
N TYR A 227 -21.50 -10.22 3.32
CA TYR A 227 -20.24 -9.53 3.58
C TYR A 227 -19.62 -10.05 4.86
N LEU A 228 -18.33 -10.31 4.83
CA LEU A 228 -17.62 -10.68 6.05
C LEU A 228 -16.37 -9.83 6.17
N PRO A 229 -16.01 -9.40 7.38
CA PRO A 229 -14.72 -8.74 7.60
C PRO A 229 -13.61 -9.72 7.95
N PHE A 230 -12.40 -9.37 7.55
CA PHE A 230 -11.23 -10.15 7.94
C PHE A 230 -10.12 -9.21 8.38
N LEU A 231 -9.46 -9.57 9.47
CA LEU A 231 -8.55 -8.64 10.14
C LEU A 231 -7.31 -8.35 9.31
N ASN A 232 -6.90 -9.30 8.47
CA ASN A 232 -5.63 -9.18 7.76
C ASN A 232 -5.61 -10.14 6.58
N ARG A 233 -4.51 -10.11 5.84
CA ARG A 233 -4.36 -10.99 4.68
C ARG A 233 -4.48 -12.45 5.07
N GLU A 234 -3.91 -12.84 6.22
CA GLU A 234 -3.86 -14.24 6.59
C GLU A 234 -5.25 -14.76 6.95
N ALA A 235 -6.07 -13.93 7.60
CA ALA A 235 -7.40 -14.33 8.04
C ALA A 235 -8.34 -14.64 6.89
N VAL A 236 -7.96 -14.33 5.67
CA VAL A 236 -8.85 -14.47 4.52
C VAL A 236 -8.90 -15.93 4.10
N PRO A 237 -10.09 -16.50 3.89
CA PRO A 237 -10.19 -17.88 3.37
C PRO A 237 -9.82 -17.94 1.90
N GLN A 238 -8.61 -18.37 1.60
CA GLN A 238 -8.15 -18.21 0.23
C GLN A 238 -8.60 -19.33 -0.69
N ASN A 239 -9.17 -20.43 -0.16
CA ASN A 239 -9.75 -21.45 -1.02
C ASN A 239 -11.06 -21.03 -1.65
N LEU A 240 -11.59 -19.88 -1.26
CA LEU A 240 -12.77 -19.33 -1.91
C LEU A 240 -12.41 -18.31 -2.98
N LEU A 241 -11.12 -18.08 -3.19
CA LEU A 241 -10.63 -17.05 -4.10
C LEU A 241 -9.92 -17.71 -5.28
N ASN A 242 -10.26 -17.29 -6.50
CA ASN A 242 -9.53 -17.75 -7.66
C ASN A 242 -8.12 -17.15 -7.61
N PRO A 243 -7.21 -17.59 -8.50
CA PRO A 243 -5.84 -17.06 -8.44
C PRO A 243 -5.73 -15.55 -8.55
N LEU A 244 -6.51 -14.91 -9.44
CA LEU A 244 -6.42 -13.45 -9.57
C LEU A 244 -6.71 -12.75 -8.26
N LEU A 245 -7.75 -13.21 -7.53
CA LEU A 245 -8.12 -12.60 -6.26
C LEU A 245 -7.19 -13.02 -5.12
N LYS A 246 -6.57 -14.20 -5.21
CA LYS A 246 -5.50 -14.53 -4.28
C LYS A 246 -4.35 -13.54 -4.39
N LYS A 247 -3.95 -13.21 -5.62
CA LYS A 247 -2.88 -12.24 -5.82
C LYS A 247 -3.29 -10.88 -5.30
N TYR A 248 -4.58 -10.54 -5.37
CA TYR A 248 -5.05 -9.23 -4.94
C TYR A 248 -4.99 -9.10 -3.43
N ILE A 249 -5.20 -10.17 -2.69
CA ILE A 249 -5.15 -10.04 -1.25
C ILE A 249 -3.73 -9.95 -0.76
N ASN A 250 -2.78 -10.42 -1.56
CA ASN A 250 -1.37 -10.29 -1.22
C ASN A 250 -0.75 -8.98 -1.71
N GLU A 251 -1.29 -8.36 -2.76
CA GLU A 251 -0.67 -7.18 -3.33
C GLU A 251 -1.58 -5.95 -3.36
N ALA A 252 -2.78 -6.01 -2.78
CA ALA A 252 -3.66 -4.84 -2.76
C ALA A 252 -3.02 -3.71 -1.98
N PRO A 253 -3.01 -2.49 -2.50
CA PRO A 253 -2.25 -1.41 -1.86
C PRO A 253 -3.01 -0.85 -0.68
N ALA A 254 -2.26 -0.48 0.33
CA ALA A 254 -2.81 0.16 1.52
C ALA A 254 -1.67 0.85 2.25
N LEU A 255 -2.02 1.77 3.14
CA LEU A 255 -1.05 2.51 3.92
C LEU A 255 -0.74 1.85 5.26
N VAL A 256 -1.15 0.60 5.43
CA VAL A 256 -0.72 -0.22 6.56
C VAL A 256 -0.01 -1.44 5.98
N ASP A 257 0.91 -2.00 6.78
CA ASP A 257 1.63 -3.20 6.36
C ASP A 257 0.68 -4.35 6.09
N ASN A 258 -0.30 -4.56 6.97
CA ASN A 258 -1.22 -5.70 6.87
C ASN A 258 -2.65 -5.18 6.99
N PRO A 259 -3.24 -4.73 5.88
CA PRO A 259 -4.60 -4.19 5.94
C PRO A 259 -5.64 -5.28 6.14
N GLY A 260 -6.73 -4.92 6.79
CA GLY A 260 -7.89 -5.80 6.84
C GLY A 260 -8.61 -5.82 5.50
N PHE A 261 -9.62 -6.69 5.41
CA PHE A 261 -10.39 -6.83 4.18
C PHE A 261 -11.86 -7.06 4.49
N ILE A 262 -12.71 -6.59 3.59
CA ILE A 262 -14.10 -6.98 3.52
C ILE A 262 -14.28 -7.80 2.26
N LEU A 263 -14.80 -9.01 2.41
CA LEU A 263 -15.12 -9.89 1.31
C LEU A 263 -16.63 -9.97 1.10
N GLY A 264 -17.03 -9.98 -0.15
CA GLY A 264 -18.44 -10.06 -0.51
C GLY A 264 -18.68 -11.20 -1.46
N TRP A 265 -19.75 -11.95 -1.20
CA TRP A 265 -20.16 -13.03 -2.07
C TRP A 265 -21.51 -12.69 -2.66
N SER A 266 -21.52 -12.37 -3.94
CA SER A 266 -22.76 -12.12 -4.66
C SER A 266 -23.31 -13.44 -5.19
N PHE A 267 -24.63 -13.59 -5.10
CA PHE A 267 -25.31 -14.76 -5.64
C PHE A 267 -26.50 -14.31 -6.48
N GLY A 268 -26.72 -15.01 -7.59
CA GLY A 268 -27.87 -14.74 -8.44
C GLY A 268 -28.47 -16.01 -8.99
N PRO A 269 -29.38 -15.87 -9.95
CA PRO A 269 -30.06 -17.04 -10.54
C PRO A 269 -29.07 -18.11 -10.99
N GLN A 270 -29.34 -19.36 -10.61
CA GLN A 270 -28.45 -20.46 -10.93
C GLN A 270 -28.34 -20.66 -12.44
N GLY A 271 -27.11 -20.87 -12.91
CA GLY A 271 -26.85 -20.83 -14.33
C GLY A 271 -27.01 -19.46 -14.95
N GLY A 272 -27.09 -18.40 -14.16
CA GLY A 272 -27.28 -17.06 -14.66
C GLY A 272 -26.12 -16.13 -14.35
N LYS A 273 -26.43 -14.84 -14.14
CA LYS A 273 -25.44 -13.78 -14.29
C LYS A 273 -24.62 -13.54 -13.03
N GLY A 274 -25.26 -13.37 -11.87
CA GLY A 274 -24.62 -12.64 -10.79
C GLY A 274 -24.02 -13.36 -9.58
N THR A 275 -23.26 -14.44 -9.80
CA THR A 275 -22.58 -15.14 -8.70
C THR A 275 -21.07 -14.94 -8.88
N TYR A 276 -20.49 -14.13 -7.99
CA TYR A 276 -19.09 -13.73 -8.08
C TYR A 276 -18.61 -13.28 -6.70
N THR A 277 -17.33 -12.94 -6.60
CA THR A 277 -16.66 -12.59 -5.35
C THR A 277 -16.14 -11.15 -5.39
N LYS A 278 -16.29 -10.43 -4.28
CA LYS A 278 -15.81 -9.07 -4.15
C LYS A 278 -14.78 -9.00 -3.05
N VAL A 279 -13.66 -8.29 -3.31
CA VAL A 279 -12.59 -8.12 -2.32
C VAL A 279 -12.31 -6.63 -2.15
N ASP A 280 -12.44 -6.15 -0.91
CA ASP A 280 -12.22 -4.76 -0.56
C ASP A 280 -11.05 -4.71 0.40
N VAL A 281 -9.99 -3.98 0.02
CA VAL A 281 -8.86 -3.74 0.92
C VAL A 281 -9.23 -2.55 1.81
N ASP A 282 -8.89 -2.64 3.09
CA ASP A 282 -9.10 -1.53 4.02
C ASP A 282 -7.89 -0.61 3.92
N TYR A 283 -7.96 0.34 2.98
CA TYR A 283 -6.79 1.10 2.54
C TYR A 283 -6.09 1.81 3.69
N HIS A 284 -6.84 2.58 4.48
CA HIS A 284 -6.26 3.28 5.62
C HIS A 284 -6.02 2.36 6.80
N GLY A 285 -6.82 1.31 6.96
CA GLY A 285 -6.67 0.42 8.08
C GLY A 285 -7.58 0.69 9.26
N ARG A 286 -8.64 1.49 9.09
CA ARG A 286 -9.55 1.79 10.17
C ARG A 286 -11.01 1.51 9.85
N THR A 287 -11.33 1.02 8.65
CA THR A 287 -12.69 0.58 8.38
C THR A 287 -12.97 -0.75 9.07
N VAL A 288 -12.16 -1.78 8.77
CA VAL A 288 -12.43 -3.12 9.29
C VAL A 288 -12.50 -3.16 10.81
N PRO A 289 -11.55 -2.60 11.57
CA PRO A 289 -11.65 -2.67 13.05
C PRO A 289 -12.95 -2.12 13.64
N LEU A 290 -13.78 -1.45 12.86
CA LEU A 290 -15.06 -0.96 13.33
C LEU A 290 -16.20 -1.90 12.93
N MET B 1 10.94 -18.74 -9.06
CA MET B 1 9.64 -18.86 -9.71
C MET B 1 9.70 -18.20 -11.09
N ASN B 2 8.52 -17.94 -11.68
CA ASN B 2 8.49 -17.07 -12.85
C ASN B 2 9.10 -15.71 -12.54
N ASP B 3 8.77 -15.14 -11.38
CA ASP B 3 9.15 -13.77 -11.07
C ASP B 3 10.62 -13.63 -10.71
N VAL B 4 11.15 -14.56 -9.90
CA VAL B 4 12.56 -14.49 -9.52
C VAL B 4 13.44 -14.49 -10.77
N ASN B 5 13.02 -15.23 -11.81
CA ASN B 5 13.73 -15.20 -13.09
C ASN B 5 13.77 -13.81 -13.68
N ARG B 6 12.63 -13.10 -13.66
CA ARG B 6 12.58 -11.79 -14.29
C ARG B 6 13.30 -10.74 -13.46
N ILE B 7 13.38 -10.92 -12.14
CA ILE B 7 14.19 -10.03 -11.31
C ILE B 7 15.64 -10.06 -11.76
N ARG B 8 16.28 -11.23 -11.67
CA ARG B 8 17.64 -11.40 -12.15
C ARG B 8 17.80 -10.89 -13.56
N THR B 9 16.73 -10.97 -14.36
CA THR B 9 16.75 -10.42 -15.71
C THR B 9 16.81 -8.90 -15.69
N ASP B 10 15.81 -8.28 -15.04
CA ASP B 10 15.75 -6.83 -14.98
C ASP B 10 17.02 -6.24 -14.39
N ILE B 11 17.62 -6.91 -13.40
CA ILE B 11 18.87 -6.41 -12.82
C ILE B 11 19.98 -6.41 -13.85
N ILE B 12 20.16 -7.54 -14.54
CA ILE B 12 21.17 -7.63 -15.61
C ILE B 12 20.99 -6.49 -16.61
N ASN B 13 19.75 -6.30 -17.09
CA ASN B 13 19.48 -5.28 -18.11
C ASN B 13 19.93 -3.91 -17.62
N VAL B 14 19.56 -3.56 -16.40
CA VAL B 14 20.00 -2.29 -15.82
C VAL B 14 21.51 -2.18 -15.91
N ALA B 15 22.23 -3.17 -15.36
CA ALA B 15 23.68 -3.12 -15.34
C ALA B 15 24.26 -3.01 -16.74
N LYS B 16 23.65 -3.70 -17.71
CA LYS B 16 24.10 -3.60 -19.09
C LYS B 16 23.75 -2.23 -19.69
N THR B 17 22.54 -1.73 -19.43
CA THR B 17 22.10 -0.48 -20.03
C THR B 17 22.95 0.70 -19.57
N PHE B 18 23.25 0.77 -18.28
CA PHE B 18 23.86 1.94 -17.67
C PHE B 18 25.35 1.77 -17.39
N GLY B 19 25.98 0.78 -18.00
CA GLY B 19 27.42 0.59 -17.84
C GLY B 19 27.86 0.21 -16.44
N ALA B 20 27.07 -0.59 -15.74
CA ALA B 20 27.49 -1.12 -14.44
C ALA B 20 28.19 -2.46 -14.68
N GLU B 21 29.50 -2.50 -14.39
CA GLU B 21 30.23 -3.75 -14.41
C GLU B 21 29.54 -4.76 -13.49
N TYR B 22 29.38 -5.98 -13.97
CA TYR B 22 28.71 -7.00 -13.18
C TYR B 22 29.26 -8.39 -13.50
N SER B 23 28.77 -9.37 -12.76
CA SER B 23 29.22 -10.75 -12.84
C SER B 23 27.99 -11.66 -12.85
N GLU B 24 27.83 -12.43 -13.94
CA GLU B 24 26.75 -13.41 -13.97
C GLU B 24 26.95 -14.45 -12.89
N LYS B 25 28.21 -14.83 -12.63
CA LYS B 25 28.52 -15.83 -11.62
C LYS B 25 28.01 -15.43 -10.24
N VAL B 26 28.26 -14.19 -9.82
CA VAL B 26 27.80 -13.80 -8.49
C VAL B 26 26.29 -13.60 -8.49
N LEU B 27 25.73 -13.11 -9.61
CA LEU B 27 24.28 -12.95 -9.68
C LEU B 27 23.58 -14.30 -9.58
N ASP B 28 24.09 -15.31 -10.28
CA ASP B 28 23.51 -16.64 -10.15
C ASP B 28 23.58 -17.15 -8.72
N GLU B 29 24.70 -16.89 -8.03
CA GLU B 29 24.93 -17.41 -6.68
C GLU B 29 24.05 -16.73 -5.64
N VAL B 30 23.80 -15.43 -5.79
CA VAL B 30 22.91 -14.74 -4.85
C VAL B 30 21.47 -15.21 -5.05
N PHE B 31 21.03 -15.29 -6.31
CA PHE B 31 19.68 -15.76 -6.57
C PHE B 31 19.49 -17.21 -6.20
N GLN B 32 20.58 -17.99 -6.22
CA GLN B 32 20.50 -19.36 -5.72
C GLN B 32 20.00 -19.39 -4.29
N VAL B 33 20.49 -18.49 -3.46
CA VAL B 33 20.27 -18.56 -2.02
C VAL B 33 19.19 -17.58 -1.57
N PHE B 34 19.20 -16.35 -2.07
CA PHE B 34 18.25 -15.33 -1.68
C PHE B 34 17.09 -15.16 -2.64
N GLY B 35 17.16 -15.77 -3.82
CA GLY B 35 16.18 -15.60 -4.89
C GLY B 35 14.72 -15.40 -4.51
N GLU B 36 14.16 -16.30 -3.68
CA GLU B 36 12.76 -16.15 -3.30
C GLU B 36 12.55 -15.01 -2.31
N GLN B 37 13.54 -14.68 -1.48
CA GLN B 37 13.39 -13.55 -0.59
C GLN B 37 13.07 -12.27 -1.36
N PHE B 38 13.47 -12.24 -2.63
CA PHE B 38 13.21 -11.07 -3.46
C PHE B 38 11.79 -11.05 -4.01
N ALA B 39 11.21 -12.21 -4.28
CA ALA B 39 9.88 -12.24 -4.88
C ALA B 39 8.79 -11.84 -3.88
N ASP B 40 9.02 -12.06 -2.57
CA ASP B 40 7.97 -11.93 -1.57
C ASP B 40 8.19 -10.77 -0.59
N ASN B 41 9.26 -10.00 -0.74
CA ASN B 41 9.49 -8.90 0.18
C ASN B 41 9.70 -7.62 -0.61
N SER B 42 9.77 -6.52 0.12
CA SER B 42 10.11 -5.25 -0.51
C SER B 42 11.50 -5.34 -1.15
N PHE B 43 11.59 -4.89 -2.40
CA PHE B 43 12.75 -5.08 -3.24
C PHE B 43 12.98 -3.80 -4.02
N MET B 44 14.24 -3.40 -4.17
CA MET B 44 14.57 -2.19 -4.91
C MET B 44 15.86 -2.39 -5.67
N ILE B 45 15.97 -1.68 -6.80
CA ILE B 45 17.19 -1.65 -7.62
C ILE B 45 17.76 -0.24 -7.55
N ARG B 46 19.06 -0.14 -7.28
CA ARG B 46 19.75 1.13 -7.14
C ARG B 46 20.79 1.31 -8.23
N THR B 47 20.85 2.53 -8.78
CA THR B 47 21.99 3.03 -9.51
C THR B 47 22.57 4.25 -8.80
N SER B 48 23.90 4.40 -8.87
CA SER B 48 24.58 5.49 -8.20
C SER B 48 25.59 6.16 -9.12
N ASN B 49 25.92 7.39 -8.72
CA ASN B 49 26.55 8.42 -9.52
C ASN B 49 28.05 8.52 -9.28
N LYS B 50 28.64 7.55 -8.57
CA LYS B 50 29.96 7.78 -7.95
C LYS B 50 31.03 8.14 -8.98
N GLN B 51 31.04 7.47 -10.13
CA GLN B 51 32.03 7.86 -11.12
C GLN B 51 31.37 8.65 -12.24
N PRO B 52 32.15 9.43 -13.00
CA PRO B 52 31.54 10.46 -13.87
C PRO B 52 30.64 9.93 -14.97
N ASP B 53 30.83 8.70 -15.44
CA ASP B 53 30.08 8.24 -16.60
C ASP B 53 29.43 6.87 -16.45
N LYS B 54 29.84 6.06 -15.48
CA LYS B 54 29.22 4.76 -15.27
C LYS B 54 28.35 4.83 -14.02
N LEU B 55 27.13 4.31 -14.12
CA LEU B 55 26.33 4.08 -12.93
C LEU B 55 26.76 2.78 -12.26
N GLY B 56 26.90 2.80 -10.94
CA GLY B 56 26.92 1.56 -10.22
C GLY B 56 25.54 0.96 -10.19
N CYS B 57 25.44 -0.30 -9.77
CA CYS B 57 24.15 -0.94 -9.69
C CYS B 57 24.09 -1.87 -8.50
N TYR B 58 23.02 -1.70 -7.70
CA TYR B 58 22.80 -2.48 -6.51
C TYR B 58 21.34 -2.89 -6.50
N PHE B 59 21.06 -3.97 -5.80
CA PHE B 59 19.70 -4.41 -5.52
C PHE B 59 19.63 -4.86 -4.08
N ARG B 60 18.46 -4.71 -3.45
CA ARG B 60 18.34 -4.87 -2.02
C ARG B 60 16.93 -5.28 -1.65
N TYR B 61 16.82 -6.03 -0.56
CA TYR B 61 15.53 -6.48 -0.08
C TYR B 61 15.46 -6.23 1.43
N HIS B 62 14.22 -6.17 1.90
CA HIS B 62 13.85 -5.72 3.23
C HIS B 62 12.79 -6.70 3.74
N GLU B 63 12.98 -7.23 4.95
CA GLU B 63 12.08 -8.22 5.54
C GLU B 63 11.49 -7.63 6.82
N GLU B 64 10.17 -7.44 6.82
CA GLU B 64 9.44 -6.97 8.00
C GLU B 64 8.63 -8.07 8.70
N ASP B 65 8.49 -9.26 8.10
CA ASP B 65 7.78 -10.35 8.76
C ASP B 65 8.53 -10.82 9.99
N GLU B 66 7.84 -10.83 11.13
CA GLU B 66 8.49 -11.12 12.41
C GLU B 66 9.17 -12.48 12.40
N SER B 67 8.46 -13.51 11.99
CA SER B 67 9.00 -14.87 12.07
C SER B 67 10.23 -15.05 11.19
N GLN B 68 10.46 -14.15 10.24
CA GLN B 68 11.58 -14.26 9.32
C GLN B 68 12.80 -13.45 9.74
N LEU B 69 12.70 -12.60 10.76
CA LEU B 69 13.84 -11.77 11.15
C LEU B 69 15.01 -12.66 11.60
N GLY B 70 16.20 -12.35 11.10
CA GLY B 70 17.38 -13.15 11.33
C GLY B 70 17.70 -14.14 10.23
N LEU B 71 16.72 -14.51 9.40
CA LEU B 71 16.96 -15.46 8.31
C LEU B 71 18.05 -14.96 7.38
N ALA B 72 18.03 -13.66 7.06
CA ALA B 72 19.03 -13.09 6.17
C ALA B 72 20.45 -13.40 6.66
N TRP B 73 20.72 -13.14 7.94
CA TRP B 73 22.05 -13.40 8.48
C TRP B 73 22.39 -14.89 8.46
N ASP B 74 21.44 -15.74 8.84
CA ASP B 74 21.68 -17.18 8.77
C ASP B 74 21.93 -17.62 7.35
N ILE B 75 21.11 -17.13 6.41
CA ILE B 75 21.24 -17.49 5.00
C ILE B 75 22.61 -17.08 4.47
N ALA B 76 22.97 -15.81 4.66
CA ALA B 76 24.24 -15.33 4.13
C ALA B 76 25.41 -16.16 4.64
N ARG B 77 25.44 -16.45 5.94
CA ARG B 77 26.59 -17.12 6.54
C ARG B 77 26.63 -18.59 6.17
N LYS B 78 25.51 -19.31 6.36
CA LYS B 78 25.49 -20.73 6.04
C LYS B 78 25.75 -20.97 4.55
N SER B 79 25.38 -20.00 3.72
CA SER B 79 25.65 -20.05 2.28
C SER B 79 27.10 -19.79 1.94
N GLY B 80 27.85 -19.11 2.83
CA GLY B 80 29.18 -18.65 2.49
C GLY B 80 29.21 -17.35 1.71
N LEU B 81 28.05 -16.86 1.26
CA LEU B 81 28.00 -15.54 0.62
C LEU B 81 28.58 -14.48 1.55
N LEU B 82 28.50 -14.69 2.86
CA LEU B 82 29.07 -13.78 3.84
C LEU B 82 29.94 -14.58 4.78
N SER B 83 31.24 -14.28 4.78
CA SER B 83 32.22 -15.07 5.52
C SER B 83 32.78 -14.24 6.65
N ASP B 84 32.79 -14.82 7.85
CA ASP B 84 33.37 -14.20 9.02
C ASP B 84 34.89 -14.26 8.92
N GLN B 85 35.54 -13.13 8.64
CA GLN B 85 36.99 -13.05 8.53
C GLN B 85 37.66 -12.46 9.77
N GLY B 86 36.98 -12.47 10.93
CA GLY B 86 37.51 -11.88 12.14
C GLY B 86 37.36 -10.38 12.27
N ARG B 87 37.01 -9.67 11.18
CA ARG B 87 36.94 -8.22 11.06
C ARG B 87 36.19 -7.53 12.19
N PRO B 88 36.36 -6.20 12.31
CA PRO B 88 35.52 -5.45 13.27
C PRO B 88 34.02 -5.54 13.00
N VAL B 89 33.60 -5.34 11.75
CA VAL B 89 32.18 -5.42 11.43
C VAL B 89 31.61 -6.82 11.68
N ASP B 90 32.45 -7.86 11.77
CA ASP B 90 31.95 -9.22 11.87
C ASP B 90 31.20 -9.48 13.16
N GLN B 91 31.47 -8.70 14.21
CA GLN B 91 30.80 -8.91 15.48
C GLN B 91 29.46 -8.20 15.58
N LEU B 92 29.15 -7.28 14.66
CA LEU B 92 28.11 -6.30 14.94
C LEU B 92 26.70 -6.89 14.86
N ILE B 93 26.39 -7.65 13.81
CA ILE B 93 25.05 -8.20 13.67
C ILE B 93 24.61 -9.03 14.89
N PRO B 94 25.44 -9.95 15.41
CA PRO B 94 25.03 -10.61 16.66
C PRO B 94 24.90 -9.65 17.83
N GLU B 95 25.84 -8.69 17.94
CA GLU B 95 25.77 -7.73 19.05
C GLU B 95 24.49 -6.91 19.01
N ILE B 96 24.06 -6.51 17.82
CA ILE B 96 22.82 -5.73 17.69
C ILE B 96 21.61 -6.56 18.13
N CYS B 97 21.59 -7.84 17.79
CA CYS B 97 20.43 -8.68 18.11
C CYS B 97 20.34 -9.00 19.60
N GLU B 98 21.46 -9.06 20.32
CA GLU B 98 21.43 -9.28 21.76
C GLU B 98 21.23 -8.01 22.56
N THR B 99 21.17 -6.84 21.90
CA THR B 99 21.00 -5.56 22.56
C THR B 99 19.64 -4.95 22.28
N PHE B 100 19.14 -5.10 21.05
CA PHE B 100 18.00 -4.34 20.59
C PHE B 100 16.93 -5.26 20.02
N PRO B 101 15.65 -4.97 20.28
CA PRO B 101 14.58 -5.64 19.53
C PRO B 101 14.63 -5.16 18.08
N ILE B 102 14.49 -6.10 17.16
CA ILE B 102 14.65 -5.85 15.74
C ILE B 102 13.30 -6.03 15.07
N MET B 103 12.87 -5.03 14.31
CA MET B 103 11.59 -5.13 13.62
C MET B 103 11.74 -5.46 12.14
N ALA B 104 12.95 -5.43 11.60
CA ALA B 104 13.14 -5.50 10.16
C ALA B 104 14.61 -5.73 9.87
N ASP B 105 14.89 -6.37 8.74
CA ASP B 105 16.26 -6.46 8.26
C ASP B 105 16.26 -6.59 6.74
N GLY B 106 17.46 -6.65 6.17
CA GLY B 106 17.62 -6.65 4.73
C GLY B 106 19.08 -6.83 4.36
N VAL B 107 19.31 -6.99 3.06
CA VAL B 107 20.65 -7.21 2.53
C VAL B 107 20.82 -6.39 1.25
N ASP B 108 22.02 -5.87 1.05
CA ASP B 108 22.36 -5.08 -0.12
C ASP B 108 23.36 -5.84 -0.98
N PHE B 109 23.18 -5.77 -2.29
CA PHE B 109 23.99 -6.59 -3.20
C PHE B 109 24.60 -5.72 -4.30
N ASP B 110 25.91 -5.82 -4.43
CA ASP B 110 26.62 -5.27 -5.58
C ASP B 110 26.52 -6.27 -6.73
N VAL B 111 26.21 -5.80 -7.94
CA VAL B 111 26.12 -6.72 -9.08
C VAL B 111 27.50 -7.28 -9.44
N LYS B 112 28.57 -6.53 -9.16
CA LYS B 112 29.91 -7.01 -9.45
C LYS B 112 30.41 -7.94 -8.35
N HIS B 113 30.26 -7.54 -7.08
CA HIS B 113 30.93 -8.21 -5.97
C HIS B 113 30.00 -8.90 -4.97
N GLY B 114 28.68 -8.90 -5.20
CA GLY B 114 27.79 -9.69 -4.36
C GLY B 114 27.37 -9.00 -3.06
N LEU B 115 27.13 -9.81 -2.03
CA LEU B 115 26.61 -9.32 -0.76
C LEU B 115 27.54 -8.25 -0.18
N ALA B 116 26.98 -7.04 0.00
CA ALA B 116 27.69 -5.84 0.37
C ALA B 116 27.35 -5.33 1.76
N LYS B 117 26.06 -5.33 2.13
CA LYS B 117 25.62 -4.76 3.39
C LYS B 117 24.47 -5.57 3.98
N ILE B 118 24.34 -5.47 5.31
CA ILE B 118 23.20 -6.02 6.04
C ILE B 118 22.63 -4.93 6.94
N TRP B 119 21.30 -4.82 6.97
CA TRP B 119 20.61 -3.82 7.76
C TRP B 119 19.91 -4.46 8.96
N GLN B 120 19.77 -3.67 10.03
CA GLN B 120 18.95 -4.02 11.18
C GLN B 120 18.16 -2.77 11.57
N SER B 121 16.83 -2.84 11.51
CA SER B 121 15.97 -1.75 12.01
C SER B 121 15.54 -2.07 13.43
N ILE B 122 15.77 -1.13 14.33
CA ILE B 122 15.33 -1.28 15.72
C ILE B 122 13.82 -1.09 15.82
N LYS B 123 13.19 -1.87 16.69
CA LYS B 123 11.79 -1.68 17.05
C LYS B 123 11.67 -0.38 17.85
N GLY B 124 11.31 0.71 17.17
CA GLY B 124 11.33 2.02 17.78
C GLY B 124 12.65 2.74 17.56
N VAL B 125 12.77 3.90 18.21
CA VAL B 125 14.00 4.68 18.22
C VAL B 125 14.64 4.56 19.60
N VAL B 126 15.96 4.59 19.63
CA VAL B 126 16.70 4.63 20.88
C VAL B 126 17.65 5.82 20.86
N PRO B 127 17.99 6.37 22.02
CA PRO B 127 19.10 7.33 22.08
C PRO B 127 20.36 6.66 21.57
N VAL B 128 21.06 7.36 20.65
CA VAL B 128 22.22 6.81 19.97
C VAL B 128 23.26 6.27 20.96
N GLN B 129 23.29 6.79 22.20
CA GLN B 129 24.27 6.31 23.18
C GLN B 129 24.00 4.88 23.62
N ASP B 130 22.77 4.39 23.44
CA ASP B 130 22.49 2.98 23.74
C ASP B 130 23.34 2.02 22.89
N ALA B 131 23.73 2.45 21.67
CA ALA B 131 24.60 1.67 20.79
C ALA B 131 26.07 1.74 21.15
N PHE B 132 26.46 2.58 22.12
CA PHE B 132 27.87 2.84 22.41
C PHE B 132 28.59 1.64 23.01
N LYS B 133 27.88 0.66 23.54
CA LYS B 133 28.57 -0.55 23.95
C LYS B 133 28.84 -1.48 22.79
N LEU B 134 28.33 -1.21 21.60
CA LEU B 134 28.61 -2.09 20.48
C LEU B 134 30.05 -1.90 20.03
N SER B 135 30.56 -2.89 19.28
CA SER B 135 31.89 -2.79 18.66
C SER B 135 31.84 -1.93 17.40
N LEU B 136 31.35 -0.71 17.56
CA LEU B 136 31.29 0.26 16.47
C LEU B 136 32.64 0.92 16.27
N PRO B 137 32.85 1.59 15.13
CA PRO B 137 34.08 2.41 14.97
C PRO B 137 34.22 3.40 16.11
N ALA B 138 35.47 3.69 16.48
CA ALA B 138 35.74 4.68 17.54
C ALA B 138 35.10 6.04 17.24
N SER B 139 35.00 6.41 15.97
CA SER B 139 34.48 7.72 15.57
C SER B 139 33.00 7.92 15.91
N VAL B 140 32.28 6.91 16.38
CA VAL B 140 30.89 7.12 16.79
C VAL B 140 30.85 7.75 18.17
N THR B 141 31.40 7.05 19.17
CA THR B 141 31.53 7.62 20.51
C THR B 141 32.21 8.98 20.48
N THR B 142 33.35 9.08 19.80
CA THR B 142 34.07 10.33 19.85
C THR B 142 33.31 11.47 19.17
N HIS B 143 32.14 11.21 18.58
CA HIS B 143 31.33 12.27 18.00
C HIS B 143 30.05 12.48 18.78
N SER B 144 29.96 11.95 20.00
CA SER B 144 28.67 11.90 20.66
C SER B 144 28.13 13.29 20.90
N ASP B 145 29.01 14.27 21.19
CA ASP B 145 28.55 15.63 21.42
C ASP B 145 28.08 16.29 20.13
N PHE B 146 28.75 15.99 19.02
CA PHE B 146 28.27 16.48 17.72
C PHE B 146 26.93 15.86 17.34
N LEU B 147 26.74 14.58 17.65
CA LEU B 147 25.45 13.94 17.33
C LEU B 147 24.32 14.59 18.13
N LYS B 148 24.52 14.75 19.44
CA LYS B 148 23.57 15.50 20.26
C LYS B 148 23.40 16.93 19.75
N ASN B 149 24.50 17.61 19.46
CA ASN B 149 24.38 19.02 19.11
C ASN B 149 23.63 19.22 17.81
N HIS B 150 23.59 18.23 16.92
CA HIS B 150 22.88 18.39 15.66
C HIS B 150 21.62 17.55 15.61
N HIS B 151 21.17 17.07 16.77
CA HIS B 151 19.96 16.24 16.89
C HIS B 151 19.99 15.05 15.92
N LEU B 152 21.16 14.42 15.83
CA LEU B 152 21.34 13.13 15.17
C LEU B 152 21.58 12.09 16.25
N ASP B 153 20.60 11.95 17.15
CA ASP B 153 20.71 11.08 18.30
C ASP B 153 19.51 10.17 18.51
N ALA B 154 18.47 10.28 17.69
CA ALA B 154 17.37 9.31 17.73
C ALA B 154 17.64 8.21 16.68
N LEU B 155 18.23 7.12 17.13
CA LEU B 155 18.73 6.07 16.25
C LEU B 155 17.68 5.00 16.02
N TYR B 156 17.52 4.56 14.75
CA TYR B 156 16.50 3.54 14.48
C TYR B 156 16.96 2.43 13.56
N ALA B 157 18.17 2.49 12.99
CA ALA B 157 18.63 1.41 12.14
C ALA B 157 20.15 1.44 12.02
N PHE B 158 20.70 0.28 11.68
CA PHE B 158 22.12 0.08 11.42
C PHE B 158 22.32 -0.44 10.01
N GLY B 159 23.42 -0.01 9.39
CA GLY B 159 23.86 -0.60 8.13
C GLY B 159 25.30 -1.07 8.26
N ILE B 160 25.54 -2.35 8.00
CA ILE B 160 26.85 -2.95 8.22
C ILE B 160 27.44 -3.26 6.85
N ASP B 161 28.44 -2.50 6.45
CA ASP B 161 29.02 -2.61 5.11
C ASP B 161 30.26 -3.49 5.20
N TYR B 162 30.13 -4.75 4.78
CA TYR B 162 31.25 -5.68 4.83
C TYR B 162 32.28 -5.44 3.75
N HIS B 163 31.89 -4.78 2.64
CA HIS B 163 32.87 -4.51 1.59
C HIS B 163 33.81 -3.38 2.00
N HIS B 164 33.31 -2.37 2.67
CA HIS B 164 34.13 -1.23 3.03
C HIS B 164 34.50 -1.18 4.51
N SER B 165 34.07 -2.17 5.30
CA SER B 165 34.26 -2.18 6.75
C SER B 165 33.80 -0.86 7.35
N SER B 166 32.56 -0.50 7.06
CA SER B 166 31.99 0.75 7.53
C SER B 166 30.60 0.46 8.06
N VAL B 167 30.08 1.41 8.83
CA VAL B 167 28.79 1.30 9.48
C VAL B 167 28.02 2.57 9.21
N ASN B 168 26.76 2.41 8.81
CA ASN B 168 25.83 3.51 8.68
C ASN B 168 24.89 3.54 9.88
N LEU B 169 24.70 4.72 10.42
CA LEU B 169 23.71 4.94 11.46
C LEU B 169 22.61 5.81 10.86
N TYR B 170 21.36 5.38 11.01
CA TYR B 170 20.22 6.11 10.47
C TYR B 170 19.46 6.78 11.63
N PHE B 171 19.00 8.02 11.41
CA PHE B 171 18.49 8.84 12.48
C PHE B 171 17.15 9.44 12.10
N ASP B 172 16.24 9.43 13.06
CA ASP B 172 14.89 9.92 12.88
C ASP B 172 14.90 11.43 13.05
N THR B 173 14.25 12.13 12.12
CA THR B 173 14.31 13.59 12.09
C THR B 173 13.16 14.16 12.92
N TYR B 174 13.30 13.98 14.24
CA TYR B 174 12.28 14.30 15.21
C TYR B 174 12.15 15.79 15.48
N HIS B 175 13.20 16.56 15.19
CA HIS B 175 13.34 17.88 15.79
C HIS B 175 12.75 18.94 14.88
N PRO B 176 12.12 19.99 15.41
CA PRO B 176 11.63 21.06 14.55
C PRO B 176 12.68 21.64 13.57
N LYS B 177 13.96 21.71 13.95
CA LYS B 177 14.96 22.22 13.03
C LYS B 177 15.12 21.31 11.81
N HIS B 178 14.66 20.06 11.89
CA HIS B 178 14.80 19.12 10.79
C HIS B 178 13.89 19.45 9.61
N HIS B 179 12.94 20.38 9.76
CA HIS B 179 12.12 20.84 8.65
C HIS B 179 12.51 22.24 8.17
N THR B 180 13.69 22.71 8.56
CA THR B 180 14.24 23.96 8.06
C THR B 180 15.42 23.65 7.15
N SER B 181 15.59 24.49 6.13
CA SER B 181 16.72 24.30 5.25
C SER B 181 18.02 24.73 5.92
N GLU B 182 17.97 25.78 6.77
CA GLU B 182 19.16 26.22 7.49
C GLU B 182 19.83 25.11 8.29
N TYR B 183 19.05 24.18 8.81
CA TYR B 183 19.65 23.09 9.55
C TYR B 183 20.60 22.26 8.66
N TYR B 184 20.19 21.99 7.42
CA TYR B 184 21.01 21.16 6.53
C TYR B 184 22.20 21.93 5.97
N LYS B 185 22.05 23.23 5.70
CA LYS B 185 23.20 24.02 5.32
C LYS B 185 24.21 24.07 6.47
N ASN B 186 23.73 24.32 7.68
CA ASN B 186 24.68 24.43 8.80
C ASN B 186 25.24 23.07 9.17
N LEU B 187 24.51 21.98 8.96
CA LEU B 187 25.07 20.67 9.25
C LEU B 187 26.26 20.37 8.34
N LEU B 188 26.13 20.71 7.05
CA LEU B 188 27.21 20.38 6.13
C LEU B 188 28.39 21.33 6.27
N GLN B 189 28.16 22.58 6.68
CA GLN B 189 29.26 23.49 6.99
C GLN B 189 30.03 23.02 8.22
N ASP B 190 29.32 22.58 9.27
CA ASP B 190 30.00 22.10 10.47
C ASP B 190 30.83 20.86 10.21
N LEU B 191 30.42 20.06 9.23
CA LEU B 191 31.22 18.88 8.89
C LEU B 191 32.28 19.20 7.85
N GLN B 192 32.24 20.41 7.29
CA GLN B 192 33.12 20.79 6.19
C GLN B 192 32.91 19.89 4.98
N PHE B 193 31.68 19.43 4.77
CA PHE B 193 31.30 18.71 3.57
C PHE B 193 30.92 19.68 2.44
N GLN B 194 30.80 19.16 1.21
CA GLN B 194 30.36 19.99 0.08
C GLN B 194 29.02 20.65 0.37
N PRO B 195 28.86 21.93 0.04
CA PRO B 195 27.56 22.57 0.23
C PRO B 195 26.52 22.00 -0.69
N PRO B 196 25.25 22.00 -0.29
CA PRO B 196 24.17 21.59 -1.18
C PRO B 196 23.70 22.76 -2.04
N SER B 197 23.11 22.42 -3.18
CA SER B 197 22.47 23.42 -4.02
C SER B 197 21.25 23.99 -3.31
N ASP B 198 20.83 25.16 -3.74
CA ASP B 198 19.64 25.74 -3.13
C ASP B 198 18.39 24.91 -3.45
N GLU B 199 18.33 24.30 -4.63
CA GLU B 199 17.17 23.47 -4.96
C GLU B 199 17.09 22.27 -4.02
N LEU B 200 18.24 21.71 -3.66
CA LEU B 200 18.24 20.57 -2.77
C LEU B 200 17.86 20.97 -1.35
N LEU B 201 18.35 22.12 -0.88
CA LEU B 201 17.99 22.59 0.46
C LEU B 201 16.48 22.75 0.58
N GLU B 202 15.84 23.30 -0.45
CA GLU B 202 14.39 23.46 -0.44
C GLU B 202 13.70 22.09 -0.33
N LEU B 203 14.20 21.09 -1.04
CA LEU B 203 13.62 19.76 -0.91
C LEU B 203 13.82 19.19 0.48
N LEU B 204 14.96 19.51 1.12
CA LEU B 204 15.34 18.87 2.37
C LEU B 204 14.49 19.35 3.53
N THR B 205 13.77 20.47 3.38
CA THR B 205 12.77 20.81 4.40
C THR B 205 11.69 19.74 4.51
N ASN B 206 11.58 18.86 3.53
CA ASN B 206 10.75 17.69 3.67
C ASN B 206 11.54 16.52 4.26
N ASN B 207 12.84 16.71 4.57
CA ASN B 207 13.73 15.56 4.57
C ASN B 207 13.28 14.54 5.60
N GLY B 208 13.20 13.32 5.13
CA GLY B 208 12.79 12.25 5.95
C GLY B 208 13.91 11.80 6.83
N GLU B 209 14.90 11.13 6.22
CA GLU B 209 15.86 10.32 6.95
C GLU B 209 17.29 10.77 6.67
N ILE B 210 18.11 10.65 7.71
CA ILE B 210 19.53 11.01 7.67
C ILE B 210 20.36 9.82 8.11
N ALA B 211 21.42 9.54 7.37
CA ALA B 211 22.36 8.49 7.72
C ALA B 211 23.77 9.05 7.73
N LEU B 212 24.58 8.57 8.67
CA LEU B 212 25.99 8.95 8.72
C LEU B 212 26.82 7.69 8.62
N THR B 213 27.96 7.81 7.96
CA THR B 213 28.85 6.68 7.73
C THR B 213 30.10 6.81 8.59
N PHE B 214 30.37 5.76 9.35
CA PHE B 214 31.60 5.65 10.13
C PHE B 214 32.38 4.44 9.62
N ASN B 215 33.71 4.55 9.56
CA ASN B 215 34.51 3.37 9.24
C ASN B 215 35.57 3.23 10.32
N PHE B 216 36.16 2.03 10.37
CA PHE B 216 37.12 1.67 11.40
C PHE B 216 38.52 2.21 11.13
N ALA B 217 38.76 2.77 9.96
CA ALA B 217 40.07 3.29 9.62
C ALA B 217 40.17 4.79 9.85
N SER B 218 39.06 5.48 9.98
CA SER B 218 39.16 6.92 10.05
C SER B 218 38.54 7.45 11.34
N PRO B 219 39.15 8.44 11.97
CA PRO B 219 38.53 9.12 13.11
C PRO B 219 37.45 10.13 12.71
N ARG B 220 37.27 10.38 11.42
CA ARG B 220 36.30 11.34 10.90
C ARG B 220 35.01 10.65 10.50
N ILE B 221 33.90 11.39 10.58
CA ILE B 221 32.70 10.96 9.88
C ILE B 221 33.00 10.97 8.39
N GLU B 222 32.87 9.81 7.73
CA GLU B 222 33.28 9.68 6.33
C GLU B 222 32.31 10.40 5.37
N ARG B 223 31.00 10.15 5.53
CA ARG B 223 29.95 10.59 4.61
C ARG B 223 28.65 10.73 5.38
N LEU B 224 27.74 11.56 4.88
CA LEU B 224 26.34 11.50 5.28
C LEU B 224 25.49 11.32 4.03
N CYS B 225 24.21 11.04 4.24
CA CYS B 225 23.29 10.89 3.14
C CYS B 225 21.87 11.25 3.55
N PHE B 226 21.22 12.03 2.70
CA PHE B 226 19.80 12.36 2.84
C PHE B 226 18.97 11.59 1.83
N TYR B 227 17.81 11.10 2.26
CA TYR B 227 16.94 10.26 1.43
C TYR B 227 15.55 10.88 1.32
N LEU B 228 15.01 10.89 0.11
CA LEU B 228 13.67 11.40 -0.05
C LEU B 228 12.85 10.43 -0.89
N PRO B 229 11.58 10.20 -0.52
CA PRO B 229 10.67 9.40 -1.34
C PRO B 229 9.97 10.26 -2.37
N PHE B 230 9.67 9.65 -3.51
CA PHE B 230 8.87 10.30 -4.53
C PHE B 230 7.86 9.30 -5.08
N LEU B 231 6.61 9.76 -5.23
CA LEU B 231 5.52 8.84 -5.50
C LEU B 231 5.67 8.14 -6.83
N ASN B 232 6.23 8.81 -7.82
CA ASN B 232 6.24 8.28 -9.17
C ASN B 232 7.35 8.95 -9.95
N ARG B 233 7.48 8.53 -11.22
CA ARG B 233 8.50 9.13 -12.09
C ARG B 233 8.33 10.64 -12.19
N GLU B 234 7.07 11.10 -12.26
CA GLU B 234 6.82 12.52 -12.45
C GLU B 234 7.15 13.34 -11.21
N ALA B 235 7.05 12.76 -10.01
CA ALA B 235 7.32 13.54 -8.81
C ALA B 235 8.82 13.77 -8.59
N VAL B 236 9.68 13.03 -9.28
CA VAL B 236 11.12 13.11 -9.05
C VAL B 236 11.66 14.43 -9.61
N PRO B 237 12.44 15.19 -8.86
CA PRO B 237 13.00 16.44 -9.37
C PRO B 237 14.19 16.19 -10.28
N GLN B 238 13.94 16.15 -11.60
CA GLN B 238 14.95 15.65 -12.52
C GLN B 238 16.03 16.69 -12.85
N ASN B 239 15.81 17.96 -12.55
CA ASN B 239 16.88 18.93 -12.72
C ASN B 239 18.05 18.63 -11.79
N LEU B 240 17.84 17.86 -10.73
CA LEU B 240 18.93 17.45 -9.85
C LEU B 240 19.63 16.19 -10.31
N LEU B 241 19.16 15.53 -11.35
CA LEU B 241 19.76 14.28 -11.80
C LEU B 241 20.49 14.52 -13.11
N ASN B 242 21.62 13.85 -13.28
CA ASN B 242 22.35 13.92 -14.53
C ASN B 242 21.60 13.09 -15.57
N PRO B 243 21.93 13.22 -16.86
CA PRO B 243 21.08 12.61 -17.90
C PRO B 243 20.98 11.08 -17.79
N LEU B 244 22.08 10.43 -17.38
CA LEU B 244 22.04 9.00 -17.10
C LEU B 244 21.06 8.67 -16.00
N LEU B 245 21.11 9.39 -14.87
CA LEU B 245 20.10 9.19 -13.84
C LEU B 245 18.70 9.51 -14.34
N LYS B 246 18.55 10.61 -15.11
CA LYS B 246 17.29 10.89 -15.79
C LYS B 246 16.81 9.68 -16.58
N LYS B 247 17.70 9.12 -17.42
CA LYS B 247 17.33 7.94 -18.20
C LYS B 247 16.90 6.79 -17.31
N TYR B 248 17.52 6.68 -16.13
CA TYR B 248 17.16 5.60 -15.21
C TYR B 248 15.79 5.84 -14.58
N ILE B 249 15.43 7.10 -14.33
CA ILE B 249 14.10 7.38 -13.77
C ILE B 249 13.02 6.88 -14.69
N ASN B 250 13.18 7.07 -16.00
CA ASN B 250 12.15 6.67 -16.95
C ASN B 250 12.24 5.20 -17.35
N GLU B 251 13.45 4.63 -17.41
CA GLU B 251 13.65 3.26 -17.89
C GLU B 251 13.82 2.24 -16.77
N ALA B 252 13.43 2.58 -15.54
CA ALA B 252 13.70 1.65 -14.46
C ALA B 252 12.67 0.52 -14.45
N PRO B 253 13.06 -0.71 -14.15
CA PRO B 253 12.12 -1.84 -14.17
C PRO B 253 11.32 -1.92 -12.88
N ALA B 254 10.07 -2.37 -13.01
CA ALA B 254 9.20 -2.45 -11.85
C ALA B 254 7.94 -3.25 -12.18
N LEU B 255 7.46 -3.98 -11.17
CA LEU B 255 6.23 -4.77 -11.28
C LEU B 255 5.06 -3.94 -11.81
N VAL B 256 4.98 -2.67 -11.41
CA VAL B 256 3.94 -1.76 -11.88
C VAL B 256 4.56 -0.82 -12.92
N ASP B 257 3.71 -0.03 -13.56
CA ASP B 257 4.23 0.87 -14.59
C ASP B 257 4.54 2.27 -14.08
N ASN B 258 4.10 2.63 -12.87
CA ASN B 258 4.43 3.92 -12.26
C ASN B 258 4.92 3.70 -10.84
N PRO B 259 6.18 3.31 -10.67
CA PRO B 259 6.68 2.96 -9.34
C PRO B 259 7.13 4.19 -8.56
N GLY B 260 7.21 4.00 -7.25
CA GLY B 260 7.88 4.98 -6.42
C GLY B 260 9.37 4.97 -6.67
N PHE B 261 10.03 5.97 -6.07
CA PHE B 261 11.48 6.15 -6.14
C PHE B 261 11.97 6.76 -4.82
N ILE B 262 13.16 6.33 -4.41
CA ILE B 262 13.87 6.97 -3.32
C ILE B 262 15.16 7.53 -3.90
N LEU B 263 15.35 8.84 -3.79
CA LEU B 263 16.60 9.49 -4.16
C LEU B 263 17.42 9.73 -2.90
N GLY B 264 18.72 9.46 -3.00
CA GLY B 264 19.65 9.68 -1.92
C GLY B 264 20.77 10.62 -2.32
N TRP B 265 21.06 11.63 -1.49
CA TRP B 265 22.16 12.56 -1.73
C TRP B 265 23.26 12.24 -0.73
N SER B 266 24.39 11.75 -1.23
CA SER B 266 25.57 11.52 -0.41
C SER B 266 26.44 12.77 -0.43
N PHE B 267 27.06 13.08 0.71
CA PHE B 267 27.93 14.24 0.89
C PHE B 267 29.15 13.82 1.69
N GLY B 268 30.31 14.31 1.27
CA GLY B 268 31.56 14.05 1.95
C GLY B 268 32.38 15.32 1.99
N PRO B 269 33.64 15.20 2.42
CA PRO B 269 34.50 16.39 2.52
C PRO B 269 34.58 17.20 1.24
N GLN B 270 34.51 18.52 1.40
CA GLN B 270 34.70 19.44 0.28
C GLN B 270 36.01 19.13 -0.43
N GLY B 271 35.96 19.06 -1.76
CA GLY B 271 37.08 18.63 -2.55
C GLY B 271 37.45 17.17 -2.42
N GLY B 272 36.78 16.40 -1.58
CA GLY B 272 37.07 15.01 -1.40
C GLY B 272 36.12 14.12 -2.18
N LYS B 273 36.03 12.87 -1.75
CA LYS B 273 35.34 11.85 -2.54
C LYS B 273 33.81 11.91 -2.41
N GLY B 274 33.27 11.57 -1.24
CA GLY B 274 31.93 11.00 -1.15
C GLY B 274 30.65 11.78 -1.37
N THR B 275 30.61 12.67 -2.38
CA THR B 275 29.42 13.40 -2.79
C THR B 275 28.93 12.88 -4.14
N TYR B 276 27.66 12.43 -4.18
CA TYR B 276 27.05 11.80 -5.35
C TYR B 276 25.56 11.51 -5.09
N THR B 277 24.87 10.91 -6.06
CA THR B 277 23.43 10.73 -6.01
C THR B 277 23.07 9.27 -6.17
N LYS B 278 22.13 8.82 -5.34
CA LYS B 278 21.60 7.47 -5.36
C LYS B 278 20.14 7.53 -5.79
N VAL B 279 19.73 6.59 -6.67
CA VAL B 279 18.35 6.47 -7.12
C VAL B 279 17.92 5.02 -6.98
N ASP B 280 16.89 4.76 -6.19
CA ASP B 280 16.34 3.42 -5.97
C ASP B 280 14.93 3.38 -6.53
N VAL B 281 14.69 2.46 -7.48
CA VAL B 281 13.33 2.21 -7.96
C VAL B 281 12.64 1.24 -7.00
N ASP B 282 11.36 1.48 -6.75
CA ASP B 282 10.56 0.57 -5.92
C ASP B 282 10.03 -0.51 -6.86
N TYR B 283 10.80 -1.59 -6.97
CA TYR B 283 10.54 -2.61 -7.98
C TYR B 283 9.17 -3.25 -7.81
N HIS B 284 8.67 -3.31 -6.59
CA HIS B 284 7.36 -3.90 -6.30
C HIS B 284 6.28 -2.86 -5.99
N GLY B 285 6.65 -1.60 -5.81
CA GLY B 285 5.72 -0.59 -5.31
C GLY B 285 5.55 -0.56 -3.81
N ARG B 286 6.19 -1.48 -3.08
CA ARG B 286 5.86 -1.76 -1.68
C ARG B 286 6.38 -0.70 -0.71
N THR B 287 7.52 -0.08 -1.01
CA THR B 287 8.32 0.59 0.00
C THR B 287 8.06 2.09 0.12
N VAL B 288 8.07 2.82 -1.01
CA VAL B 288 7.87 4.27 -0.97
C VAL B 288 6.58 4.67 -0.27
N PRO B 289 5.41 4.09 -0.58
CA PRO B 289 4.18 4.53 0.11
C PRO B 289 4.25 4.40 1.62
N LEU B 290 5.11 3.53 2.13
CA LEU B 290 5.29 3.39 3.57
C LEU B 290 6.71 3.83 3.97
PA GST C . -22.61 -4.00 -5.18
O1A GST C . -23.20 -2.93 -6.08
O2A GST C . -21.47 -4.84 -5.69
O3A GST C . -23.70 -4.83 -4.52
O1B GST C . -21.86 -3.12 -4.09
PB GST C . -22.02 -3.36 -2.54
O2B GST C . -21.51 -4.85 -2.15
O3B GST C . -23.43 -3.14 -2.19
S1 GST C . -20.86 -2.03 -1.56
C1 GST C . -20.67 -2.95 -0.07
C2 GST C . -19.42 -2.50 0.62
C3 GST C . -19.26 -2.74 1.92
C10 GST C . -20.34 -3.45 2.70
C4 GST C . -18.02 -2.25 2.61
C5 GST C . -18.50 -0.93 3.20
C6 GST C . -17.49 0.19 3.24
C7 GST C . -17.25 0.96 2.18
C9 GST C . -16.25 2.08 2.28
C8 GST C . -17.96 0.71 0.89
MG MG D . -15.57 12.06 7.40
PA GST E . 25.02 3.47 1.14
O1A GST E . 25.78 2.74 0.07
O2A GST E . 25.67 3.38 2.48
O3A GST E . 24.56 4.85 0.69
O1B GST E . 23.68 2.60 1.33
PB GST E . 22.35 3.18 2.02
O2B GST E . 22.63 3.37 3.46
O3B GST E . 21.88 4.54 1.32
S1 GST E . 20.84 1.82 1.89
C1 GST E . 19.35 2.76 2.05
C2 GST E . 18.12 1.86 2.07
C3 GST E . 17.06 2.00 1.25
C10 GST E . 17.04 3.10 0.23
C4 GST E . 15.88 1.05 1.36
C5 GST E . 14.61 1.83 1.78
C6 GST E . 13.87 1.23 2.98
C7 GST E . 13.55 1.96 4.07
C9 GST E . 13.91 3.42 4.15
C8 GST E . 12.82 1.31 5.21
MG MG F . 8.43 -10.12 4.27
#